data_9CLF
#
_entry.id   9CLF
#
_cell.length_a   78.398
_cell.length_b   89.749
_cell.length_c   99.523
_cell.angle_alpha   90.00
_cell.angle_beta   90.00
_cell.angle_gamma   90.00
#
_symmetry.space_group_name_H-M   'P 21 21 21'
#
loop_
_entity.id
_entity.type
_entity.pdbx_description
1 polymer 'Importin subunit alpha-1'
2 polymer 'Zero net-charge NLS'
3 non-polymer GLYCEROL
4 non-polymer 2,3-DIHYDROXY-1,4-DITHIOBUTANE
5 water water
#
loop_
_entity_poly.entity_id
_entity_poly.type
_entity_poly.pdbx_seq_one_letter_code
_entity_poly.pdbx_strand_id
1 'polypeptide(L)'
;MHHHHHHSSGLVPRGSGMKETAAAKFERQHMDSPDLGTDDDDKAMADIGSNQGTVNWSVEDIVKGINSNNLESQLQATQA
ARKLLSREKQPPIDNIIRAGLIPKFVSFLGKTDCSPIQFESAWALTNIASGTSEQTKAVVDGGAIPAFISLLASPHAHIS
EQAVWALGNIAGDGSAFRDLVIKHGAIDPLLALLAVPDLSTLACGYLRNLTWTLSNLCRNKNPAPPLDAVEQILPTLVRL
LHHNDPEVLADSCWAISYLTDGPNERIEMVVKKGVVPQLVKLLGATELPIVTPALRAIGNIVTGTDEQTQKVIDAGALAV
FPSLLTNPKTNIQKEATWTMSNITAGRQDQIQQVVNHGLVPFLVGVLSKADFKTQKEAAWAITNYTSGGTVEQIVYLVHC
GIIEPLMNLLSAKDTKIIQVILDAISNIFQAAEKLGETEKLSIMIEECGGLDKIEALQRHENESVYKASLNLIEKYFSVE
EEEDQNVVPETTSEGFAFQVQDGAPGTFNF
;
A
2 'polypeptide(L)' PEKKPKIDE B,C
#
loop_
_chem_comp.id
_chem_comp.type
_chem_comp.name
_chem_comp.formula
DTT non-polymer 2,3-DIHYDROXY-1,4-DITHIOBUTANE 'C4 H10 O2 S2'
GOL non-polymer GLYCEROL 'C3 H8 O3'
#
# COMPACT_ATOMS: atom_id res chain seq x y z
N GLY A 53 15.37 33.41 -22.09
CA GLY A 53 15.18 33.13 -23.53
C GLY A 53 14.02 32.15 -23.81
N THR A 54 13.90 31.10 -22.97
CA THR A 54 12.95 30.01 -23.20
C THR A 54 11.80 30.00 -22.18
N VAL A 55 11.40 31.18 -21.67
CA VAL A 55 10.37 31.28 -20.63
C VAL A 55 9.07 31.84 -21.24
N ASN A 56 7.95 31.15 -20.91
CA ASN A 56 6.61 31.57 -21.28
C ASN A 56 6.48 31.75 -22.79
N TRP A 57 6.90 30.74 -23.57
CA TRP A 57 6.67 30.75 -25.01
C TRP A 57 5.25 30.31 -25.28
N SER A 58 4.72 30.71 -26.43
CA SER A 58 3.47 30.17 -26.94
C SER A 58 3.73 28.79 -27.54
N VAL A 59 2.67 27.99 -27.66
CA VAL A 59 2.75 26.68 -28.28
C VAL A 59 3.11 26.87 -29.74
N GLU A 60 2.54 27.92 -30.32
CA GLU A 60 2.73 28.25 -31.73
C GLU A 60 4.21 28.44 -32.02
N ASP A 61 4.90 29.14 -31.09
CA ASP A 61 6.32 29.41 -31.18
C ASP A 61 7.13 28.13 -30.97
N ILE A 62 6.76 27.32 -29.97
CA ILE A 62 7.42 26.03 -29.78
C ILE A 62 7.35 25.21 -31.05
N VAL A 63 6.22 25.24 -31.75
CA VAL A 63 6.04 24.39 -32.92
C VAL A 63 6.95 24.87 -34.04
N LYS A 64 7.04 26.20 -34.17
CA LYS A 64 7.79 26.81 -35.26
C LYS A 64 9.27 26.45 -35.07
N GLY A 65 9.75 26.51 -33.82
CA GLY A 65 11.12 26.11 -33.53
C GLY A 65 11.39 24.64 -33.82
N ILE A 66 10.47 23.78 -33.38
CA ILE A 66 10.64 22.35 -33.49
C ILE A 66 10.58 21.90 -34.94
N ASN A 67 9.80 22.60 -35.77
CA ASN A 67 9.72 22.29 -37.20
C ASN A 67 10.80 22.99 -38.03
N SER A 68 11.64 23.83 -37.42
CA SER A 68 12.76 24.43 -38.13
C SER A 68 13.73 23.33 -38.56
N ASN A 69 14.60 23.59 -39.52
CA ASN A 69 15.56 22.54 -39.86
C ASN A 69 16.82 22.64 -39.01
N ASN A 70 16.71 23.18 -37.79
CA ASN A 70 17.88 23.70 -37.09
C ASN A 70 17.90 23.10 -35.69
N LEU A 71 18.88 22.22 -35.45
CA LEU A 71 18.91 21.43 -34.22
C LEU A 71 18.97 22.33 -32.99
N GLU A 72 19.69 23.45 -33.10
CA GLU A 72 19.79 24.39 -31.99
CA GLU A 72 19.78 24.38 -31.98
C GLU A 72 18.44 25.09 -31.79
N SER A 73 17.75 25.46 -32.88
CA SER A 73 16.43 26.08 -32.76
C SER A 73 15.46 25.10 -32.12
N GLN A 74 15.54 23.84 -32.58
CA GLN A 74 14.74 22.76 -32.02
C GLN A 74 15.01 22.57 -30.52
N LEU A 75 16.29 22.67 -30.14
CA LEU A 75 16.66 22.55 -28.74
C LEU A 75 16.05 23.66 -27.90
N GLN A 76 16.09 24.91 -28.38
CA GLN A 76 15.55 26.02 -27.61
C GLN A 76 14.05 25.84 -27.43
N ALA A 77 13.37 25.39 -28.49
CA ALA A 77 11.93 25.26 -28.42
C ALA A 77 11.52 24.10 -27.50
N THR A 78 12.31 23.02 -27.52
CA THR A 78 12.07 21.86 -26.66
C THR A 78 12.25 22.28 -25.20
N GLN A 79 13.29 23.06 -24.91
CA GLN A 79 13.41 23.60 -23.58
C GLN A 79 12.24 24.51 -23.23
N ALA A 80 11.80 25.36 -24.16
CA ALA A 80 10.65 26.19 -23.87
C ALA A 80 9.43 25.33 -23.49
N ALA A 81 9.19 24.25 -24.23
CA ALA A 81 8.12 23.30 -23.99
C ALA A 81 8.24 22.65 -22.61
N ARG A 82 9.46 22.22 -22.28
CA ARG A 82 9.71 21.67 -20.97
C ARG A 82 9.34 22.65 -19.87
N LYS A 83 9.66 23.94 -20.05
CA LYS A 83 9.39 24.92 -19.00
C LYS A 83 7.90 25.15 -18.86
N LEU A 84 7.19 25.23 -20.00
CA LEU A 84 5.73 25.23 -20.00
C LEU A 84 5.15 24.08 -19.18
N LEU A 85 5.65 22.88 -19.46
CA LEU A 85 5.09 21.68 -18.86
C LEU A 85 5.55 21.51 -17.43
N SER A 86 6.49 22.35 -16.99
CA SER A 86 7.03 22.28 -15.64
C SER A 86 6.36 23.30 -14.71
N ARG A 87 5.44 24.09 -15.23
CA ARG A 87 4.77 25.14 -14.47
C ARG A 87 3.68 24.49 -13.61
N GLU A 88 3.41 25.11 -12.45
CA GLU A 88 2.59 24.48 -11.43
C GLU A 88 1.11 24.71 -11.75
N LYS A 89 0.80 25.89 -12.31
CA LYS A 89 -0.57 26.23 -12.69
C LYS A 89 -0.89 25.64 -14.07
N GLN A 90 -1.57 24.49 -14.06
CA GLN A 90 -2.28 23.96 -15.22
C GLN A 90 -1.35 23.92 -16.44
N PRO A 91 -0.35 23.02 -16.42
CA PRO A 91 0.55 22.90 -17.56
C PRO A 91 -0.25 22.47 -18.78
N PRO A 92 -0.03 23.09 -19.95
CA PRO A 92 -0.83 22.82 -21.13
C PRO A 92 -0.49 21.50 -21.83
N ILE A 93 -0.64 20.39 -21.12
CA ILE A 93 -0.31 19.09 -21.67
C ILE A 93 -1.08 18.85 -22.96
N ASP A 94 -2.39 19.14 -22.96
CA ASP A 94 -3.24 18.75 -24.09
C ASP A 94 -2.97 19.61 -25.33
N ASN A 95 -2.63 20.88 -25.12
CA ASN A 95 -2.25 21.73 -26.25
C ASN A 95 -0.96 21.20 -26.90
N ILE A 96 -0.03 20.73 -26.06
CA ILE A 96 1.22 20.20 -26.57
C ILE A 96 0.92 18.93 -27.35
N ILE A 97 0.04 18.07 -26.79
CA ILE A 97 -0.29 16.84 -27.50
C ILE A 97 -0.98 17.18 -28.81
N ARG A 98 -2.00 18.06 -28.77
CA ARG A 98 -2.76 18.42 -29.97
C ARG A 98 -1.86 19.05 -31.02
N ALA A 99 -0.79 19.77 -30.63
CA ALA A 99 0.15 20.32 -31.61
C ALA A 99 0.98 19.25 -32.31
N GLY A 100 0.90 17.98 -31.89
CA GLY A 100 1.62 16.93 -32.60
C GLY A 100 3.12 16.84 -32.21
N LEU A 101 3.48 17.33 -31.02
CA LEU A 101 4.87 17.42 -30.62
C LEU A 101 5.47 16.12 -30.08
N ILE A 102 4.65 15.16 -29.64
CA ILE A 102 5.21 13.99 -28.95
C ILE A 102 6.15 13.21 -29.85
N PRO A 103 5.82 12.91 -31.12
CA PRO A 103 6.71 12.17 -32.00
C PRO A 103 8.07 12.84 -32.22
N LYS A 104 8.06 14.16 -32.23
CA LYS A 104 9.27 14.96 -32.34
C LYS A 104 10.12 14.81 -31.09
N PHE A 105 9.50 14.99 -29.92
CA PHE A 105 10.19 14.77 -28.65
C PHE A 105 10.79 13.38 -28.62
N VAL A 106 10.00 12.38 -29.01
CA VAL A 106 10.50 11.00 -28.98
C VAL A 106 11.70 10.86 -29.91
N SER A 107 11.67 11.43 -31.12
CA SER A 107 12.81 11.33 -32.03
C SER A 107 14.03 12.05 -31.44
N PHE A 108 13.80 13.13 -30.70
CA PHE A 108 14.91 13.81 -30.05
C PHE A 108 15.55 12.96 -28.95
N LEU A 109 14.82 12.01 -28.34
CA LEU A 109 15.41 11.12 -27.34
C LEU A 109 16.61 10.35 -27.93
N GLY A 110 16.62 10.16 -29.26
CA GLY A 110 17.60 9.31 -29.91
C GLY A 110 18.81 10.09 -30.46
N LYS A 111 18.90 11.39 -30.16
CA LYS A 111 20.00 12.20 -30.68
C LYS A 111 21.18 12.18 -29.72
N THR A 112 21.97 11.11 -29.78
CA THR A 112 23.15 10.91 -28.93
C THR A 112 24.15 12.05 -29.07
N ASP A 113 24.23 12.64 -30.26
CA ASP A 113 25.14 13.73 -30.58
C ASP A 113 24.72 14.99 -29.82
N CYS A 114 23.43 15.13 -29.49
CA CYS A 114 22.95 16.33 -28.80
C CYS A 114 22.29 16.00 -27.46
N SER A 115 23.12 15.84 -26.41
CA SER A 115 22.66 15.36 -25.12
C SER A 115 21.62 16.32 -24.54
N PRO A 116 21.76 17.64 -24.69
CA PRO A 116 20.79 18.54 -24.09
C PRO A 116 19.37 18.40 -24.66
N ILE A 117 19.22 18.08 -25.95
CA ILE A 117 17.88 17.93 -26.46
C ILE A 117 17.30 16.60 -25.99
N GLN A 118 18.16 15.59 -25.77
CA GLN A 118 17.76 14.34 -25.17
C GLN A 118 17.15 14.60 -23.81
N PHE A 119 17.81 15.45 -23.03
CA PHE A 119 17.37 15.70 -21.67
C PHE A 119 16.06 16.49 -21.66
N GLU A 120 16.02 17.56 -22.45
CA GLU A 120 14.86 18.44 -22.49
C GLU A 120 13.63 17.68 -23.01
N SER A 121 13.84 16.83 -24.02
N SER A 121 13.84 16.83 -24.02
CA SER A 121 12.75 16.02 -24.54
CA SER A 121 12.75 16.03 -24.56
C SER A 121 12.30 15.03 -23.49
C SER A 121 12.30 15.02 -23.51
N ALA A 122 13.26 14.42 -22.81
CA ALA A 122 12.96 13.45 -21.75
C ALA A 122 12.07 14.06 -20.67
N TRP A 123 12.44 15.25 -20.24
CA TRP A 123 11.72 15.92 -19.18
C TRP A 123 10.34 16.35 -19.65
N ALA A 124 10.27 16.91 -20.87
CA ALA A 124 8.98 17.23 -21.46
C ALA A 124 8.05 16.01 -21.45
N LEU A 125 8.57 14.86 -21.91
CA LEU A 125 7.73 13.69 -22.07
C LEU A 125 7.39 13.11 -20.70
N THR A 126 8.29 13.28 -19.74
CA THR A 126 8.04 12.83 -18.38
C THR A 126 6.79 13.51 -17.85
N ASN A 127 6.65 14.82 -18.15
CA ASN A 127 5.60 15.62 -17.53
C ASN A 127 4.27 15.36 -18.22
N ILE A 128 4.33 15.12 -19.53
CA ILE A 128 3.15 14.65 -20.22
C ILE A 128 2.72 13.30 -19.65
N ALA A 129 3.67 12.36 -19.45
CA ALA A 129 3.35 11.03 -18.99
C ALA A 129 2.85 11.02 -17.54
N SER A 130 3.06 12.12 -16.80
CA SER A 130 2.61 12.27 -15.42
C SER A 130 1.12 12.61 -15.33
N GLY A 131 0.44 12.87 -16.45
CA GLY A 131 -0.95 13.32 -16.39
C GLY A 131 -1.98 12.17 -16.39
N THR A 132 -3.09 12.36 -17.10
CA THR A 132 -4.10 11.33 -17.21
C THR A 132 -3.58 10.10 -17.95
N SER A 133 -4.33 9.00 -17.85
CA SER A 133 -4.08 7.80 -18.62
C SER A 133 -4.00 8.12 -20.10
N GLU A 134 -4.88 9.02 -20.55
CA GLU A 134 -4.90 9.36 -21.96
C GLU A 134 -3.59 10.07 -22.35
N GLN A 135 -3.11 10.94 -21.47
CA GLN A 135 -1.89 11.70 -21.70
C GLN A 135 -0.71 10.72 -21.71
N THR A 136 -0.69 9.79 -20.73
CA THR A 136 0.37 8.79 -20.69
C THR A 136 0.33 7.93 -21.96
N LYS A 137 -0.89 7.60 -22.42
CA LYS A 137 -1.07 6.78 -23.59
C LYS A 137 -0.43 7.48 -24.79
N ALA A 138 -0.60 8.80 -24.86
CA ALA A 138 -0.06 9.54 -26.01
C ALA A 138 1.47 9.39 -26.08
N VAL A 139 2.13 9.39 -24.91
CA VAL A 139 3.56 9.24 -24.86
C VAL A 139 3.93 7.85 -25.34
N VAL A 140 3.23 6.85 -24.80
CA VAL A 140 3.47 5.47 -25.18
C VAL A 140 3.24 5.26 -26.68
N ASP A 141 2.13 5.79 -27.20
CA ASP A 141 1.77 5.63 -28.60
C ASP A 141 2.79 6.27 -29.52
N GLY A 142 3.55 7.28 -29.04
CA GLY A 142 4.64 7.91 -29.76
C GLY A 142 5.93 7.08 -29.87
N GLY A 143 5.99 5.91 -29.21
CA GLY A 143 7.17 5.07 -29.24
C GLY A 143 8.18 5.36 -28.11
N ALA A 144 7.74 6.04 -27.06
CA ALA A 144 8.64 6.50 -26.01
C ALA A 144 9.27 5.35 -25.22
N ILE A 145 8.58 4.22 -25.04
CA ILE A 145 9.05 3.21 -24.10
C ILE A 145 10.43 2.72 -24.52
N PRO A 146 10.62 2.19 -25.73
CA PRO A 146 11.94 1.65 -26.10
C PRO A 146 12.99 2.75 -26.15
N ALA A 147 12.60 3.95 -26.54
CA ALA A 147 13.52 5.06 -26.60
C ALA A 147 14.00 5.44 -25.19
N PHE A 148 13.10 5.40 -24.19
CA PHE A 148 13.53 5.64 -22.81
C PHE A 148 14.38 4.51 -22.26
N ILE A 149 14.13 3.27 -22.67
CA ILE A 149 14.93 2.16 -22.18
C ILE A 149 16.34 2.29 -22.74
N SER A 150 16.49 2.75 -24.00
CA SER A 150 17.81 3.00 -24.57
C SER A 150 18.56 4.05 -23.76
N LEU A 151 17.85 5.06 -23.27
CA LEU A 151 18.48 6.15 -22.53
C LEU A 151 18.92 5.74 -21.12
N LEU A 152 18.44 4.61 -20.59
CA LEU A 152 18.93 4.14 -19.29
C LEU A 152 20.45 3.95 -19.30
N ALA A 153 21.03 3.65 -20.48
CA ALA A 153 22.46 3.46 -20.64
C ALA A 153 23.22 4.75 -20.95
N SER A 154 22.55 5.90 -20.96
CA SER A 154 23.23 7.13 -21.24
C SER A 154 24.38 7.34 -20.27
N PRO A 155 25.52 7.86 -20.77
CA PRO A 155 26.65 8.21 -19.90
C PRO A 155 26.33 9.41 -19.02
N HIS A 156 25.30 10.16 -19.36
CA HIS A 156 24.93 11.35 -18.62
C HIS A 156 23.89 10.94 -17.56
N ALA A 157 24.23 11.15 -16.30
CA ALA A 157 23.41 10.62 -15.22
C ALA A 157 22.05 11.30 -15.23
N HIS A 158 22.04 12.59 -15.54
CA HIS A 158 20.82 13.36 -15.48
C HIS A 158 19.82 12.87 -16.53
N ILE A 159 20.33 12.28 -17.61
CA ILE A 159 19.50 11.83 -18.71
C ILE A 159 18.95 10.46 -18.34
N SER A 160 19.84 9.59 -17.83
N SER A 160 19.82 9.58 -17.82
CA SER A 160 19.47 8.27 -17.36
CA SER A 160 19.40 8.25 -17.40
C SER A 160 18.36 8.40 -16.32
C SER A 160 18.34 8.40 -16.32
N GLU A 161 18.55 9.33 -15.39
CA GLU A 161 17.59 9.54 -14.33
C GLU A 161 16.23 9.97 -14.89
N GLN A 162 16.26 10.89 -15.87
CA GLN A 162 15.01 11.35 -16.48
C GLN A 162 14.28 10.17 -17.12
N ALA A 163 15.00 9.27 -17.78
CA ALA A 163 14.44 8.12 -18.42
C ALA A 163 13.84 7.20 -17.37
N VAL A 164 14.50 7.06 -16.22
CA VAL A 164 13.96 6.25 -15.13
C VAL A 164 12.62 6.82 -14.70
N TRP A 165 12.58 8.14 -14.54
CA TRP A 165 11.41 8.82 -14.04
C TRP A 165 10.25 8.62 -15.02
N ALA A 166 10.54 8.78 -16.30
CA ALA A 166 9.50 8.68 -17.31
C ALA A 166 8.92 7.29 -17.33
N LEU A 167 9.80 6.27 -17.28
CA LEU A 167 9.32 4.90 -17.28
C LEU A 167 8.49 4.64 -16.02
N GLY A 168 8.83 5.30 -14.91
CA GLY A 168 8.04 5.18 -13.67
C GLY A 168 6.62 5.71 -13.82
N ASN A 169 6.47 6.86 -14.47
CA ASN A 169 5.15 7.38 -14.78
C ASN A 169 4.38 6.46 -15.72
N ILE A 170 5.07 5.89 -16.72
CA ILE A 170 4.41 5.02 -17.66
C ILE A 170 3.94 3.76 -16.95
N ALA A 171 4.82 3.09 -16.21
CA ALA A 171 4.44 1.88 -15.52
C ALA A 171 3.35 2.15 -14.47
N GLY A 172 3.32 3.35 -13.87
CA GLY A 172 2.37 3.67 -12.80
C GLY A 172 0.94 3.91 -13.30
N ASP A 173 0.74 3.96 -14.62
CA ASP A 173 -0.59 4.14 -15.15
C ASP A 173 -1.44 2.93 -14.78
N GLY A 174 -0.85 1.74 -14.79
CA GLY A 174 -1.63 0.55 -14.56
C GLY A 174 -0.96 -0.71 -15.09
N SER A 175 -1.67 -1.82 -14.94
CA SER A 175 -1.10 -3.14 -15.19
CA SER A 175 -1.07 -3.13 -15.18
C SER A 175 -0.58 -3.26 -16.63
N ALA A 176 -1.32 -2.67 -17.57
CA ALA A 176 -1.04 -2.94 -18.97
C ALA A 176 0.24 -2.20 -19.39
N PHE A 177 0.35 -0.94 -19.03
CA PHE A 177 1.57 -0.22 -19.36
C PHE A 177 2.76 -0.75 -18.56
N ARG A 178 2.52 -1.17 -17.32
CA ARG A 178 3.56 -1.75 -16.49
C ARG A 178 4.13 -2.95 -17.22
N ASP A 179 3.25 -3.84 -17.67
CA ASP A 179 3.65 -5.10 -18.32
C ASP A 179 4.28 -4.79 -19.68
N LEU A 180 3.86 -3.72 -20.36
CA LEU A 180 4.50 -3.35 -21.62
C LEU A 180 5.91 -2.81 -21.40
N VAL A 181 6.10 -1.99 -20.36
CA VAL A 181 7.44 -1.57 -19.99
C VAL A 181 8.33 -2.78 -19.74
N ILE A 182 7.80 -3.81 -19.05
CA ILE A 182 8.57 -5.01 -18.72
C ILE A 182 8.92 -5.80 -20.00
N LYS A 183 7.95 -5.97 -20.90
CA LYS A 183 8.18 -6.68 -22.16
C LYS A 183 9.25 -6.02 -23.04
N HIS A 184 9.34 -4.68 -23.01
CA HIS A 184 10.34 -3.96 -23.77
C HIS A 184 11.71 -4.06 -23.12
N GLY A 185 11.81 -4.70 -21.96
CA GLY A 185 13.08 -5.08 -21.37
C GLY A 185 13.61 -4.02 -20.40
N ALA A 186 12.74 -3.28 -19.71
CA ALA A 186 13.23 -2.23 -18.82
C ALA A 186 13.97 -2.77 -17.60
N ILE A 187 13.68 -3.99 -17.12
CA ILE A 187 14.13 -4.35 -15.79
C ILE A 187 15.66 -4.55 -15.73
N ASP A 188 16.26 -5.22 -16.72
CA ASP A 188 17.70 -5.45 -16.66
C ASP A 188 18.45 -4.13 -16.60
N PRO A 189 18.21 -3.18 -17.53
CA PRO A 189 18.92 -1.90 -17.46
C PRO A 189 18.65 -1.14 -16.16
N LEU A 190 17.43 -1.23 -15.61
CA LEU A 190 17.14 -0.53 -14.36
C LEU A 190 17.98 -1.14 -13.25
N LEU A 191 17.99 -2.46 -13.13
CA LEU A 191 18.71 -3.10 -12.04
C LEU A 191 20.22 -2.91 -12.18
N ALA A 192 20.71 -2.83 -13.41
CA ALA A 192 22.12 -2.61 -13.68
C ALA A 192 22.56 -1.27 -13.08
N LEU A 193 21.65 -0.28 -13.00
CA LEU A 193 21.99 1.02 -12.44
C LEU A 193 22.18 0.97 -10.93
N LEU A 194 21.70 -0.08 -10.27
CA LEU A 194 21.88 -0.27 -8.83
C LEU A 194 22.93 -1.34 -8.53
N ALA A 195 23.65 -1.84 -9.54
CA ALA A 195 24.62 -2.89 -9.32
C ALA A 195 25.95 -2.26 -8.93
N VAL A 196 25.98 -1.74 -7.71
CA VAL A 196 27.17 -1.15 -7.14
C VAL A 196 27.43 -1.78 -5.78
N PRO A 197 28.69 -1.80 -5.33
CA PRO A 197 29.03 -2.35 -4.02
C PRO A 197 28.26 -1.70 -2.86
N ASP A 198 28.07 -0.39 -2.94
CA ASP A 198 27.45 0.37 -1.87
C ASP A 198 26.58 1.48 -2.47
N LEU A 199 25.28 1.36 -2.20
CA LEU A 199 24.25 2.26 -2.70
C LEU A 199 24.52 3.68 -2.26
N SER A 200 25.29 3.85 -1.18
CA SER A 200 25.54 5.18 -0.63
C SER A 200 26.38 6.04 -1.57
N THR A 201 27.07 5.45 -2.55
CA THR A 201 27.86 6.25 -3.47
C THR A 201 26.99 6.85 -4.57
N LEU A 202 25.72 6.42 -4.70
CA LEU A 202 24.85 6.97 -5.72
C LEU A 202 24.27 8.26 -5.16
N ALA A 203 24.00 9.20 -6.05
CA ALA A 203 23.30 10.42 -5.68
C ALA A 203 21.91 10.10 -5.14
N CYS A 204 21.55 10.85 -4.11
CA CYS A 204 20.35 10.63 -3.33
C CYS A 204 19.11 10.64 -4.22
N GLY A 205 19.01 11.68 -5.05
CA GLY A 205 17.87 11.90 -5.94
C GLY A 205 17.73 10.79 -6.97
N TYR A 206 18.87 10.33 -7.48
CA TYR A 206 18.94 9.25 -8.46
C TYR A 206 18.41 7.95 -7.84
N LEU A 207 18.86 7.62 -6.63
CA LEU A 207 18.49 6.36 -6.00
C LEU A 207 17.01 6.41 -5.63
N ARG A 208 16.53 7.56 -5.18
CA ARG A 208 15.12 7.73 -4.90
C ARG A 208 14.24 7.54 -6.13
N ASN A 209 14.69 8.03 -7.29
CA ASN A 209 13.93 7.87 -8.50
C ASN A 209 13.92 6.40 -8.90
N LEU A 210 15.07 5.74 -8.87
CA LEU A 210 15.12 4.34 -9.25
C LEU A 210 14.19 3.53 -8.35
N THR A 211 14.24 3.78 -7.05
CA THR A 211 13.43 3.00 -6.12
C THR A 211 11.94 3.18 -6.42
N TRP A 212 11.53 4.44 -6.65
CA TRP A 212 10.14 4.75 -6.95
C TRP A 212 9.68 4.04 -8.24
N THR A 213 10.53 4.07 -9.28
CA THR A 213 10.19 3.42 -10.54
C THR A 213 10.05 1.91 -10.31
N LEU A 214 10.99 1.30 -9.56
CA LEU A 214 10.89 -0.14 -9.31
C LEU A 214 9.62 -0.45 -8.54
N SER A 215 9.22 0.44 -7.63
CA SER A 215 8.01 0.19 -6.88
C SER A 215 6.81 0.19 -7.84
N ASN A 216 6.80 1.06 -8.85
CA ASN A 216 5.69 1.05 -9.81
C ASN A 216 5.66 -0.23 -10.66
N LEU A 217 6.81 -0.86 -10.90
CA LEU A 217 6.84 -2.14 -11.62
C LEU A 217 6.31 -3.26 -10.73
N CYS A 218 6.27 -3.03 -9.43
CA CYS A 218 5.74 -4.02 -8.49
C CYS A 218 4.26 -3.80 -8.23
N ARG A 219 3.71 -2.70 -8.74
CA ARG A 219 2.39 -2.23 -8.37
C ARG A 219 1.29 -2.71 -9.33
N ASN A 220 0.06 -2.77 -8.80
CA ASN A 220 -1.21 -2.97 -9.47
C ASN A 220 -1.53 -4.46 -9.51
N LYS A 221 -2.81 -4.76 -9.71
CA LYS A 221 -3.31 -6.12 -9.70
C LYS A 221 -4.26 -6.28 -10.89
N ASN A 222 -4.70 -7.50 -11.16
CA ASN A 222 -5.65 -7.71 -12.25
C ASN A 222 -5.02 -7.30 -13.58
N PRO A 223 -3.87 -7.88 -13.95
CA PRO A 223 -3.16 -8.84 -13.10
C PRO A 223 -2.01 -8.21 -12.33
N ALA A 224 -1.47 -9.04 -11.44
CA ALA A 224 -0.26 -8.68 -10.73
C ALA A 224 0.91 -8.84 -11.68
N PRO A 225 2.08 -8.30 -11.33
CA PRO A 225 3.23 -8.29 -12.23
C PRO A 225 3.62 -9.73 -12.53
N PRO A 226 4.34 -9.99 -13.64
CA PRO A 226 4.77 -11.35 -13.96
C PRO A 226 5.66 -11.92 -12.87
N LEU A 227 5.46 -13.20 -12.55
CA LEU A 227 6.22 -13.82 -11.47
C LEU A 227 7.72 -13.72 -11.71
N ASP A 228 8.16 -13.94 -12.95
CA ASP A 228 9.58 -13.89 -13.24
C ASP A 228 10.13 -12.46 -13.10
N ALA A 229 9.31 -11.44 -13.31
CA ALA A 229 9.78 -10.06 -13.16
C ALA A 229 9.91 -9.74 -11.66
N VAL A 230 8.98 -10.27 -10.86
CA VAL A 230 9.02 -10.09 -9.43
C VAL A 230 10.25 -10.81 -8.86
N GLU A 231 10.53 -12.03 -9.31
CA GLU A 231 11.73 -12.73 -8.86
C GLU A 231 12.98 -11.97 -9.24
N GLN A 232 12.99 -11.34 -10.41
CA GLN A 232 14.16 -10.63 -10.89
C GLN A 232 14.43 -9.39 -10.03
N ILE A 233 13.37 -8.69 -9.60
CA ILE A 233 13.43 -7.44 -8.88
C ILE A 233 13.69 -7.64 -7.37
N LEU A 234 13.11 -8.69 -6.78
CA LEU A 234 13.07 -8.83 -5.33
C LEU A 234 14.43 -8.70 -4.66
N PRO A 235 15.54 -9.28 -5.16
CA PRO A 235 16.83 -9.14 -4.49
C PRO A 235 17.32 -7.70 -4.39
N THR A 236 17.01 -6.85 -5.39
CA THR A 236 17.43 -5.46 -5.35
C THR A 236 16.55 -4.72 -4.35
N LEU A 237 15.28 -5.09 -4.33
CA LEU A 237 14.35 -4.50 -3.36
C LEU A 237 14.80 -4.85 -1.94
N VAL A 238 15.21 -6.10 -1.68
CA VAL A 238 15.65 -6.46 -0.35
C VAL A 238 16.82 -5.55 0.05
N ARG A 239 17.75 -5.28 -0.87
CA ARG A 239 18.88 -4.43 -0.59
CA ARG A 239 18.90 -4.42 -0.62
C ARG A 239 18.44 -3.00 -0.32
N LEU A 240 17.47 -2.48 -1.07
CA LEU A 240 17.03 -1.12 -0.84
C LEU A 240 16.29 -0.97 0.49
N LEU A 241 15.68 -2.06 0.94
CA LEU A 241 14.96 -2.08 2.20
C LEU A 241 15.88 -1.96 3.40
N HIS A 242 17.20 -2.13 3.17
CA HIS A 242 18.24 -1.93 4.18
C HIS A 242 18.99 -0.60 3.99
N HIS A 243 18.67 0.18 2.96
CA HIS A 243 19.30 1.48 2.78
C HIS A 243 18.83 2.47 3.85
N ASN A 244 19.59 3.52 4.10
CA ASN A 244 19.36 4.36 5.27
C ASN A 244 18.57 5.63 4.91
N ASP A 245 18.20 5.83 3.65
CA ASP A 245 17.43 7.01 3.26
C ASP A 245 15.93 6.79 3.53
N PRO A 246 15.26 7.69 4.25
CA PRO A 246 13.84 7.50 4.55
C PRO A 246 12.93 7.33 3.34
N GLU A 247 13.24 7.99 2.22
CA GLU A 247 12.38 7.96 1.06
C GLU A 247 12.57 6.64 0.30
N VAL A 248 13.81 6.17 0.22
CA VAL A 248 14.11 4.89 -0.38
C VAL A 248 13.41 3.81 0.44
N LEU A 249 13.48 3.91 1.79
CA LEU A 249 12.84 2.91 2.65
C LEU A 249 11.32 2.93 2.46
N ALA A 250 10.74 4.12 2.38
CA ALA A 250 9.29 4.21 2.24
C ALA A 250 8.83 3.56 0.93
N ASP A 251 9.53 3.86 -0.16
CA ASP A 251 9.13 3.34 -1.45
C ASP A 251 9.43 1.84 -1.56
N SER A 252 10.51 1.37 -0.93
CA SER A 252 10.82 -0.05 -0.85
C SER A 252 9.70 -0.81 -0.11
N CYS A 253 9.28 -0.29 1.05
CA CYS A 253 8.14 -0.86 1.77
C CYS A 253 6.87 -0.85 0.94
N TRP A 254 6.60 0.25 0.22
CA TRP A 254 5.42 0.28 -0.63
C TRP A 254 5.52 -0.84 -1.66
N ALA A 255 6.69 -1.03 -2.29
CA ALA A 255 6.86 -2.11 -3.27
C ALA A 255 6.53 -3.47 -2.65
N ILE A 256 6.99 -3.72 -1.40
CA ILE A 256 6.78 -4.99 -0.74
C ILE A 256 5.31 -5.16 -0.38
N SER A 257 4.67 -4.05 0.00
CA SER A 257 3.25 -4.07 0.28
C SER A 257 2.47 -4.48 -0.98
N TYR A 258 2.86 -4.00 -2.16
CA TYR A 258 2.17 -4.38 -3.38
C TYR A 258 2.38 -5.87 -3.66
N LEU A 259 3.59 -6.37 -3.44
CA LEU A 259 3.93 -7.73 -3.80
C LEU A 259 3.25 -8.73 -2.85
N THR A 260 2.93 -8.29 -1.62
CA THR A 260 2.26 -9.12 -0.64
C THR A 260 0.75 -8.99 -0.70
N ASP A 261 0.24 -8.06 -1.51
CA ASP A 261 -1.19 -7.90 -1.70
C ASP A 261 -1.69 -8.88 -2.77
N GLY A 262 -1.90 -10.11 -2.36
CA GLY A 262 -2.39 -11.14 -3.27
C GLY A 262 -2.45 -12.50 -2.58
N PRO A 263 -2.51 -13.58 -3.37
CA PRO A 263 -2.56 -14.94 -2.84
C PRO A 263 -1.28 -15.37 -2.12
N ASN A 264 -1.39 -16.47 -1.38
CA ASN A 264 -0.37 -16.98 -0.48
C ASN A 264 0.97 -17.16 -1.21
N GLU A 265 0.91 -17.46 -2.50
CA GLU A 265 2.07 -17.78 -3.31
C GLU A 265 2.89 -16.51 -3.54
N ARG A 266 2.20 -15.38 -3.72
CA ARG A 266 2.86 -14.11 -3.89
C ARG A 266 3.53 -13.71 -2.57
N ILE A 267 2.78 -13.85 -1.46
CA ILE A 267 3.31 -13.61 -0.12
C ILE A 267 4.56 -14.46 0.11
N GLU A 268 4.52 -15.73 -0.31
CA GLU A 268 5.62 -16.65 -0.03
C GLU A 268 6.91 -16.18 -0.68
N MET A 269 6.81 -15.70 -1.91
CA MET A 269 7.97 -15.20 -2.64
C MET A 269 8.71 -14.15 -1.80
N VAL A 270 7.93 -13.27 -1.17
CA VAL A 270 8.51 -12.21 -0.36
C VAL A 270 9.02 -12.80 0.95
N VAL A 271 8.13 -13.51 1.67
CA VAL A 271 8.51 -14.02 2.98
C VAL A 271 9.77 -14.87 2.85
N LYS A 272 9.93 -15.59 1.73
CA LYS A 272 11.06 -16.51 1.54
C LYS A 272 12.38 -15.74 1.45
N LYS A 273 12.37 -14.46 1.06
CA LYS A 273 13.59 -13.68 0.95
C LYS A 273 14.07 -13.20 2.32
N GLY A 274 13.28 -13.48 3.36
CA GLY A 274 13.68 -13.21 4.74
C GLY A 274 13.59 -11.74 5.17
N VAL A 275 12.69 -10.98 4.56
CA VAL A 275 12.53 -9.55 4.80
C VAL A 275 11.66 -9.23 6.02
N VAL A 276 10.92 -10.21 6.57
CA VAL A 276 9.94 -9.88 7.59
C VAL A 276 10.60 -9.19 8.81
N PRO A 277 11.74 -9.66 9.34
CA PRO A 277 12.45 -8.95 10.41
C PRO A 277 12.73 -7.49 10.06
N GLN A 278 13.15 -7.22 8.83
CA GLN A 278 13.45 -5.85 8.46
C GLN A 278 12.14 -5.05 8.41
N LEU A 279 11.05 -5.67 7.92
CA LEU A 279 9.77 -4.99 7.92
C LEU A 279 9.31 -4.60 9.33
N VAL A 280 9.47 -5.54 10.28
CA VAL A 280 9.12 -5.31 11.67
C VAL A 280 9.97 -4.18 12.25
N LYS A 281 11.25 -4.14 11.94
CA LYS A 281 12.09 -3.03 12.35
C LYS A 281 11.52 -1.72 11.81
N LEU A 282 11.17 -1.69 10.51
CA LEU A 282 10.71 -0.46 9.88
C LEU A 282 9.35 -0.06 10.46
N LEU A 283 8.61 -1.05 10.98
CA LEU A 283 7.31 -0.85 11.60
C LEU A 283 7.44 -0.01 12.86
N GLY A 284 8.65 -0.07 13.46
CA GLY A 284 8.99 0.72 14.63
C GLY A 284 9.68 2.05 14.31
N ALA A 285 9.67 2.51 13.07
CA ALA A 285 10.34 3.75 12.71
C ALA A 285 9.54 4.98 13.16
N THR A 286 10.22 6.13 13.16
CA THR A 286 9.64 7.39 13.59
C THR A 286 8.82 8.01 12.45
N GLU A 287 9.27 7.77 11.22
CA GLU A 287 8.70 8.41 10.05
C GLU A 287 7.42 7.67 9.67
N LEU A 288 6.31 8.39 9.70
CA LEU A 288 5.02 7.84 9.34
C LEU A 288 5.04 7.32 7.90
N PRO A 289 5.72 7.99 6.94
CA PRO A 289 5.82 7.49 5.57
C PRO A 289 6.52 6.13 5.46
N ILE A 290 7.26 5.73 6.48
CA ILE A 290 7.83 4.39 6.49
C ILE A 290 6.86 3.44 7.16
N VAL A 291 6.28 3.89 8.27
CA VAL A 291 5.45 3.00 9.07
C VAL A 291 4.21 2.61 8.29
N THR A 292 3.66 3.55 7.52
CA THR A 292 2.41 3.27 6.85
C THR A 292 2.59 2.07 5.92
N PRO A 293 3.53 2.09 4.96
CA PRO A 293 3.73 0.94 4.07
C PRO A 293 4.27 -0.32 4.74
N ALA A 294 5.10 -0.18 5.78
CA ALA A 294 5.60 -1.34 6.51
C ALA A 294 4.44 -2.08 7.17
N LEU A 295 3.51 -1.34 7.75
CA LEU A 295 2.36 -1.97 8.40
C LEU A 295 1.42 -2.61 7.37
N ARG A 296 1.16 -1.95 6.23
CA ARG A 296 0.40 -2.55 5.14
C ARG A 296 1.05 -3.88 4.70
N ALA A 297 2.38 -3.92 4.54
CA ALA A 297 3.04 -5.15 4.13
C ALA A 297 2.86 -6.22 5.20
N ILE A 298 3.06 -5.85 6.47
CA ILE A 298 2.89 -6.83 7.53
C ILE A 298 1.44 -7.32 7.56
N GLY A 299 0.49 -6.41 7.42
CA GLY A 299 -0.92 -6.77 7.37
C GLY A 299 -1.24 -7.74 6.23
N ASN A 300 -0.62 -7.50 5.07
CA ASN A 300 -0.85 -8.33 3.90
C ASN A 300 -0.34 -9.74 4.19
N ILE A 301 0.86 -9.82 4.77
CA ILE A 301 1.46 -11.11 5.05
C ILE A 301 0.59 -11.96 5.97
N VAL A 302 -0.14 -11.35 6.93
CA VAL A 302 -0.88 -12.16 7.90
C VAL A 302 -2.25 -12.52 7.35
N THR A 303 -2.57 -12.08 6.13
CA THR A 303 -3.75 -12.61 5.46
C THR A 303 -3.43 -13.96 4.80
N GLY A 304 -2.17 -14.39 4.85
CA GLY A 304 -1.75 -15.64 4.25
C GLY A 304 -2.03 -16.82 5.18
N THR A 305 -1.07 -17.76 5.20
CA THR A 305 -1.18 -18.98 5.97
C THR A 305 -0.83 -18.65 7.43
N ASP A 306 -1.10 -19.62 8.32
CA ASP A 306 -0.77 -19.52 9.73
C ASP A 306 0.75 -19.56 9.91
N GLU A 307 1.44 -20.22 8.96
CA GLU A 307 2.90 -20.34 9.04
C GLU A 307 3.55 -19.03 8.58
N GLN A 308 2.90 -18.34 7.63
CA GLN A 308 3.36 -17.02 7.21
C GLN A 308 3.11 -16.00 8.32
N THR A 309 1.95 -16.13 9.00
CA THR A 309 1.61 -15.27 10.12
C THR A 309 2.61 -15.47 11.25
N GLN A 310 3.10 -16.68 11.43
CA GLN A 310 4.00 -16.99 12.53
C GLN A 310 5.35 -16.31 12.35
N LYS A 311 5.78 -16.14 11.09
CA LYS A 311 7.05 -15.46 10.80
C LYS A 311 6.99 -14.00 11.27
N VAL A 312 5.83 -13.36 11.15
CA VAL A 312 5.65 -12.01 11.64
C VAL A 312 5.74 -11.99 13.17
N ILE A 313 5.07 -12.97 13.82
CA ILE A 313 5.11 -13.10 15.27
C ILE A 313 6.54 -13.38 15.71
N ASP A 314 7.23 -14.33 15.03
CA ASP A 314 8.57 -14.72 15.45
C ASP A 314 9.51 -13.52 15.31
N ALA A 315 9.22 -12.64 14.37
CA ALA A 315 10.10 -11.50 14.10
C ALA A 315 9.98 -10.40 15.14
N GLY A 316 8.93 -10.46 15.96
CA GLY A 316 8.81 -9.56 17.10
C GLY A 316 7.74 -8.50 16.91
N ALA A 317 6.81 -8.75 15.99
CA ALA A 317 5.92 -7.70 15.51
C ALA A 317 4.96 -7.25 16.62
N LEU A 318 4.52 -8.21 17.43
CA LEU A 318 3.47 -7.93 18.38
C LEU A 318 3.93 -6.90 19.43
N ALA A 319 5.23 -6.77 19.68
CA ALA A 319 5.72 -5.82 20.67
C ALA A 319 5.54 -4.36 20.22
N VAL A 320 5.25 -4.12 18.95
CA VAL A 320 5.04 -2.76 18.42
C VAL A 320 3.56 -2.38 18.49
N PHE A 321 2.65 -3.33 18.66
CA PHE A 321 1.24 -3.05 18.53
C PHE A 321 0.69 -2.19 19.66
N PRO A 322 1.24 -2.17 20.90
CA PRO A 322 0.77 -1.22 21.89
C PRO A 322 0.79 0.20 21.35
N SER A 323 1.87 0.58 20.66
CA SER A 323 2.00 1.89 20.03
C SER A 323 1.08 2.05 18.84
N LEU A 324 1.04 1.03 17.97
CA LEU A 324 0.24 1.08 16.77
C LEU A 324 -1.24 1.19 17.09
N LEU A 325 -1.71 0.45 18.10
CA LEU A 325 -3.13 0.42 18.39
C LEU A 325 -3.55 1.65 19.19
N THR A 326 -2.59 2.49 19.61
CA THR A 326 -2.87 3.80 20.20
C THR A 326 -2.31 4.95 19.36
N ASN A 327 -1.96 4.67 18.11
CA ASN A 327 -1.27 5.64 17.30
C ASN A 327 -2.23 6.78 17.02
N PRO A 328 -1.76 8.04 17.05
CA PRO A 328 -2.61 9.18 16.76
C PRO A 328 -3.09 9.29 15.31
N LYS A 329 -2.41 8.68 14.33
CA LYS A 329 -2.96 8.62 12.98
C LYS A 329 -4.02 7.54 12.92
N THR A 330 -5.25 7.94 12.57
CA THR A 330 -6.38 7.01 12.56
CA THR A 330 -6.38 7.01 12.56
CA THR A 330 -6.40 7.05 12.51
C THR A 330 -6.08 5.84 11.63
N ASN A 331 -5.48 6.11 10.47
CA ASN A 331 -5.21 5.06 9.50
C ASN A 331 -4.27 4.01 10.06
N ILE A 332 -3.28 4.38 10.89
CA ILE A 332 -2.33 3.42 11.44
C ILE A 332 -3.11 2.52 12.40
N GLN A 333 -4.00 3.13 13.20
CA GLN A 333 -4.79 2.41 14.17
C GLN A 333 -5.71 1.43 13.46
N LYS A 334 -6.33 1.91 12.39
CA LYS A 334 -7.22 1.09 11.60
C LYS A 334 -6.48 -0.14 11.07
N GLU A 335 -5.34 0.09 10.43
CA GLU A 335 -4.61 -0.97 9.73
C GLU A 335 -3.95 -1.92 10.72
N ALA A 336 -3.57 -1.39 11.90
CA ALA A 336 -3.00 -2.21 12.94
C ALA A 336 -4.10 -3.10 13.51
N THR A 337 -5.32 -2.59 13.60
CA THR A 337 -6.41 -3.37 14.17
C THR A 337 -6.83 -4.47 13.19
N TRP A 338 -6.83 -4.13 11.90
CA TRP A 338 -7.07 -5.08 10.83
C TRP A 338 -6.04 -6.21 10.89
N THR A 339 -4.77 -5.84 11.04
CA THR A 339 -3.70 -6.80 11.18
C THR A 339 -3.96 -7.72 12.37
N MET A 340 -4.40 -7.15 13.51
CA MET A 340 -4.68 -7.93 14.69
C MET A 340 -5.80 -8.93 14.42
N SER A 341 -6.82 -8.50 13.67
CA SER A 341 -7.96 -9.35 13.31
C SER A 341 -7.53 -10.60 12.56
N ASN A 342 -6.49 -10.50 11.71
CA ASN A 342 -6.05 -11.65 10.94
C ASN A 342 -5.03 -12.44 11.73
N ILE A 343 -4.55 -11.91 12.86
CA ILE A 343 -3.75 -12.73 13.75
C ILE A 343 -4.68 -13.47 14.70
N THR A 344 -5.81 -12.86 15.08
CA THR A 344 -6.71 -13.57 15.97
C THR A 344 -7.51 -14.63 15.22
N ALA A 345 -7.43 -14.61 13.89
CA ALA A 345 -8.08 -15.63 13.06
C ALA A 345 -7.16 -16.84 12.92
N GLY A 346 -6.00 -16.81 13.57
CA GLY A 346 -5.03 -17.88 13.50
C GLY A 346 -5.22 -19.00 14.53
N ARG A 347 -4.12 -19.69 14.80
CA ARG A 347 -4.08 -20.81 15.71
CA ARG A 347 -4.08 -20.81 15.71
C ARG A 347 -4.22 -20.33 17.15
N GLN A 348 -4.65 -21.25 18.03
CA GLN A 348 -4.80 -20.96 19.45
C GLN A 348 -3.48 -20.54 20.08
N ASP A 349 -2.36 -21.13 19.66
CA ASP A 349 -1.05 -20.75 20.18
C ASP A 349 -0.68 -19.33 19.72
N GLN A 350 -1.25 -18.90 18.58
CA GLN A 350 -1.03 -17.56 18.03
C GLN A 350 -1.88 -16.56 18.79
N ILE A 351 -3.15 -16.92 19.05
CA ILE A 351 -3.96 -16.15 19.96
C ILE A 351 -3.27 -15.98 21.30
N GLN A 352 -2.51 -17.00 21.74
CA GLN A 352 -1.93 -16.98 23.06
C GLN A 352 -0.81 -15.96 23.10
N GLN A 353 -0.12 -15.78 21.95
CA GLN A 353 0.93 -14.78 21.86
C GLN A 353 0.32 -13.37 21.89
N VAL A 354 -0.86 -13.19 21.29
CA VAL A 354 -1.55 -11.93 21.40
C VAL A 354 -1.79 -11.66 22.89
N VAL A 355 -2.27 -12.68 23.61
CA VAL A 355 -2.55 -12.56 25.02
C VAL A 355 -1.27 -12.24 25.77
N ASN A 356 -0.19 -12.96 25.48
CA ASN A 356 1.02 -12.77 26.27
C ASN A 356 1.63 -11.38 26.05
N HIS A 357 1.43 -10.76 24.88
CA HIS A 357 2.05 -9.49 24.54
C HIS A 357 1.23 -8.34 25.13
N GLY A 358 0.10 -8.69 25.78
CA GLY A 358 -0.64 -7.72 26.54
C GLY A 358 -1.62 -6.96 25.64
N LEU A 359 -2.08 -7.59 24.54
CA LEU A 359 -2.74 -6.84 23.48
C LEU A 359 -4.25 -6.90 23.59
N VAL A 360 -4.78 -7.77 24.47
CA VAL A 360 -6.23 -7.85 24.59
C VAL A 360 -6.75 -6.54 25.17
N PRO A 361 -6.12 -6.00 26.23
CA PRO A 361 -6.52 -4.70 26.75
C PRO A 361 -6.49 -3.60 25.69
N PHE A 362 -5.56 -3.69 24.73
CA PHE A 362 -5.50 -2.69 23.66
C PHE A 362 -6.64 -2.89 22.69
N LEU A 363 -7.08 -4.14 22.49
CA LEU A 363 -8.23 -4.34 21.64
C LEU A 363 -9.47 -3.83 22.37
N VAL A 364 -9.57 -4.08 23.69
CA VAL A 364 -10.68 -3.53 24.46
C VAL A 364 -10.69 -2.01 24.29
N GLY A 365 -9.49 -1.42 24.37
CA GLY A 365 -9.31 0.01 24.19
C GLY A 365 -9.88 0.54 22.88
N VAL A 366 -9.51 -0.07 21.75
CA VAL A 366 -9.93 0.43 20.45
CA VAL A 366 -9.92 0.42 20.44
C VAL A 366 -11.42 0.18 20.28
N LEU A 367 -11.91 -0.94 20.81
CA LEU A 367 -13.35 -1.18 20.76
C LEU A 367 -14.09 -0.10 21.56
N SER A 368 -13.55 0.30 22.71
CA SER A 368 -14.18 1.32 23.54
C SER A 368 -14.16 2.70 22.87
N LYS A 369 -13.05 3.07 22.24
CA LYS A 369 -12.94 4.42 21.69
C LYS A 369 -11.93 4.42 20.56
N ALA A 370 -12.45 4.74 19.37
CA ALA A 370 -11.67 4.86 18.15
C ALA A 370 -12.59 5.39 17.07
N ASP A 371 -12.00 5.86 15.96
CA ASP A 371 -12.72 6.01 14.71
C ASP A 371 -13.55 4.74 14.48
N PHE A 372 -14.77 4.92 14.02
CA PHE A 372 -15.74 3.85 13.78
C PHE A 372 -15.14 2.71 12.94
N LYS A 373 -14.42 3.06 11.88
CA LYS A 373 -13.86 2.05 10.99
C LYS A 373 -12.84 1.19 11.74
N THR A 374 -12.11 1.80 12.70
CA THR A 374 -11.19 1.07 13.53
C THR A 374 -11.99 0.15 14.46
N GLN A 375 -13.12 0.67 14.99
CA GLN A 375 -13.92 -0.11 15.92
C GLN A 375 -14.47 -1.36 15.22
N LYS A 376 -14.81 -1.22 13.95
CA LYS A 376 -15.36 -2.35 13.20
C LYS A 376 -14.28 -3.41 13.01
N GLU A 377 -13.05 -2.96 12.71
CA GLU A 377 -11.91 -3.89 12.62
C GLU A 377 -11.66 -4.58 13.96
N ALA A 378 -11.92 -3.88 15.08
CA ALA A 378 -11.71 -4.46 16.40
C ALA A 378 -12.79 -5.50 16.69
N ALA A 379 -14.00 -5.21 16.27
CA ALA A 379 -15.09 -6.17 16.43
C ALA A 379 -14.76 -7.45 15.67
N TRP A 380 -14.27 -7.29 14.43
CA TRP A 380 -13.79 -8.44 13.69
C TRP A 380 -12.72 -9.20 14.46
N ALA A 381 -11.76 -8.46 15.05
CA ALA A 381 -10.67 -9.12 15.77
C ALA A 381 -11.21 -9.95 16.93
N ILE A 382 -12.31 -9.50 17.54
CA ILE A 382 -12.91 -10.18 18.69
C ILE A 382 -13.69 -11.41 18.24
N THR A 383 -14.54 -11.25 17.22
CA THR A 383 -15.25 -12.39 16.65
C THR A 383 -14.26 -13.48 16.25
N ASN A 384 -13.14 -13.10 15.63
CA ASN A 384 -12.16 -14.09 15.22
C ASN A 384 -11.54 -14.76 16.45
N TYR A 385 -11.23 -13.96 17.49
CA TYR A 385 -10.59 -14.50 18.68
C TYR A 385 -11.54 -15.53 19.33
N THR A 386 -12.81 -15.15 19.42
CA THR A 386 -13.79 -15.96 20.10
C THR A 386 -14.14 -17.21 19.28
N SER A 387 -14.06 -17.06 17.96
CA SER A 387 -14.29 -18.17 17.04
C SER A 387 -13.21 -19.24 17.18
N GLY A 388 -11.94 -18.86 17.31
CA GLY A 388 -10.85 -19.84 17.30
C GLY A 388 -10.24 -20.12 18.67
N GLY A 389 -10.60 -19.32 19.68
CA GLY A 389 -9.93 -19.40 20.98
C GLY A 389 -10.38 -20.59 21.85
N THR A 390 -9.48 -21.04 22.74
CA THR A 390 -9.86 -21.88 23.87
C THR A 390 -10.74 -21.15 24.86
N VAL A 391 -11.38 -21.94 25.73
CA VAL A 391 -12.32 -21.45 26.71
C VAL A 391 -11.60 -20.49 27.67
N GLU A 392 -10.43 -20.86 28.14
CA GLU A 392 -9.61 -20.02 29.00
C GLU A 392 -9.34 -18.65 28.34
N GLN A 393 -9.06 -18.62 27.02
CA GLN A 393 -8.69 -17.41 26.30
C GLN A 393 -9.92 -16.51 26.20
N ILE A 394 -11.09 -17.13 25.98
CA ILE A 394 -12.33 -16.37 25.86
C ILE A 394 -12.72 -15.78 27.23
N VAL A 395 -12.47 -16.52 28.30
CA VAL A 395 -12.74 -16.07 29.66
C VAL A 395 -11.91 -14.81 29.94
N TYR A 396 -10.59 -14.90 29.69
CA TYR A 396 -9.65 -13.80 29.80
C TYR A 396 -10.17 -12.54 29.12
N LEU A 397 -10.76 -12.72 27.94
CA LEU A 397 -11.26 -11.61 27.14
C LEU A 397 -12.39 -10.89 27.88
N VAL A 398 -13.26 -11.67 28.53
CA VAL A 398 -14.32 -11.09 29.32
C VAL A 398 -13.72 -10.41 30.55
N HIS A 399 -12.75 -11.06 31.19
CA HIS A 399 -12.09 -10.52 32.35
C HIS A 399 -11.38 -9.18 32.03
N CYS A 400 -11.02 -8.95 30.76
CA CYS A 400 -10.37 -7.71 30.39
C CYS A 400 -11.37 -6.61 30.08
N GLY A 401 -12.64 -6.93 30.02
CA GLY A 401 -13.67 -5.93 29.92
C GLY A 401 -14.30 -5.82 28.54
N ILE A 402 -14.39 -6.92 27.79
CA ILE A 402 -14.84 -6.81 26.40
C ILE A 402 -16.33 -6.52 26.28
N ILE A 403 -17.13 -6.92 27.29
CA ILE A 403 -18.57 -7.03 27.13
C ILE A 403 -19.18 -5.65 26.97
N GLU A 404 -18.89 -4.74 27.90
CA GLU A 404 -19.50 -3.43 27.83
C GLU A 404 -19.22 -2.75 26.49
N PRO A 405 -17.96 -2.59 26.04
CA PRO A 405 -17.74 -1.90 24.77
C PRO A 405 -18.36 -2.62 23.56
N LEU A 406 -18.43 -3.96 23.55
CA LEU A 406 -19.13 -4.68 22.48
C LEU A 406 -20.60 -4.27 22.43
N MET A 407 -21.25 -4.24 23.59
CA MET A 407 -22.66 -3.94 23.69
C MET A 407 -22.92 -2.49 23.29
N ASN A 408 -21.99 -1.57 23.61
CA ASN A 408 -22.16 -0.18 23.23
C ASN A 408 -22.15 -0.02 21.71
N LEU A 409 -21.53 -0.97 21.00
CA LEU A 409 -21.42 -0.88 19.55
C LEU A 409 -22.62 -1.49 18.85
N LEU A 410 -23.52 -2.12 19.61
CA LEU A 410 -24.73 -2.67 19.01
C LEU A 410 -25.71 -1.54 18.70
N SER A 411 -25.36 -0.31 19.10
CA SER A 411 -26.16 0.87 18.83
C SER A 411 -25.76 1.49 17.49
N ALA A 412 -24.86 0.82 16.76
CA ALA A 412 -24.31 1.36 15.54
C ALA A 412 -25.33 1.19 14.42
N LYS A 413 -25.21 2.06 13.41
CA LYS A 413 -26.04 2.03 12.21
C LYS A 413 -25.23 1.36 11.10
N ASP A 414 -24.84 0.11 11.34
CA ASP A 414 -24.06 -0.67 10.39
C ASP A 414 -24.44 -2.12 10.62
N THR A 415 -24.98 -2.76 9.58
CA THR A 415 -25.57 -4.08 9.73
C THR A 415 -24.45 -5.10 9.99
N LYS A 416 -23.30 -4.90 9.33
CA LYS A 416 -22.21 -5.87 9.36
C LYS A 416 -21.61 -5.93 10.77
N ILE A 417 -21.38 -4.79 11.40
CA ILE A 417 -20.74 -4.81 12.71
C ILE A 417 -21.70 -5.45 13.72
N ILE A 418 -23.01 -5.22 13.55
CA ILE A 418 -23.99 -5.83 14.45
C ILE A 418 -23.90 -7.36 14.33
N GLN A 419 -23.81 -7.86 13.09
CA GLN A 419 -23.76 -9.30 12.90
C GLN A 419 -22.51 -9.86 13.55
N VAL A 420 -21.40 -9.14 13.35
CA VAL A 420 -20.09 -9.52 13.88
C VAL A 420 -20.12 -9.60 15.40
N ILE A 421 -20.72 -8.58 16.05
CA ILE A 421 -20.80 -8.53 17.49
C ILE A 421 -21.69 -9.68 18.02
N LEU A 422 -22.84 -9.87 17.37
CA LEU A 422 -23.77 -10.92 17.75
C LEU A 422 -23.09 -12.29 17.63
N ASP A 423 -22.27 -12.49 16.59
CA ASP A 423 -21.51 -13.73 16.48
C ASP A 423 -20.57 -13.88 17.67
N ALA A 424 -20.01 -12.75 18.11
CA ALA A 424 -19.00 -12.83 19.17
C ALA A 424 -19.66 -13.20 20.49
N ILE A 425 -20.81 -12.59 20.79
CA ILE A 425 -21.62 -12.91 21.97
C ILE A 425 -21.94 -14.40 22.01
N SER A 426 -22.39 -14.92 20.85
CA SER A 426 -22.75 -16.32 20.75
C SER A 426 -21.56 -17.19 21.14
N ASN A 427 -20.37 -16.85 20.62
CA ASN A 427 -19.17 -17.65 20.89
C ASN A 427 -18.79 -17.58 22.35
N ILE A 428 -19.00 -16.40 22.96
CA ILE A 428 -18.60 -16.21 24.34
C ILE A 428 -19.57 -17.03 25.19
N PHE A 429 -20.88 -16.93 24.88
CA PHE A 429 -21.89 -17.71 25.57
C PHE A 429 -21.59 -19.19 25.45
N GLN A 430 -21.13 -19.63 24.28
CA GLN A 430 -20.81 -21.03 24.09
C GLN A 430 -19.68 -21.44 25.03
N ALA A 431 -18.74 -20.55 25.32
CA ALA A 431 -17.66 -20.87 26.24
C ALA A 431 -18.18 -20.89 27.68
N ALA A 432 -19.19 -20.05 27.96
CA ALA A 432 -19.84 -20.01 29.25
C ALA A 432 -20.71 -21.26 29.47
N GLU A 433 -21.39 -21.73 28.42
CA GLU A 433 -22.13 -22.99 28.45
C GLU A 433 -21.21 -24.12 28.93
N LYS A 434 -19.97 -24.16 28.43
CA LYS A 434 -19.04 -25.23 28.79
C LYS A 434 -18.57 -25.09 30.23
N LEU A 435 -18.72 -23.90 30.83
CA LEU A 435 -18.29 -23.66 32.20
C LEU A 435 -19.49 -23.63 33.16
N GLY A 436 -20.72 -23.67 32.59
CA GLY A 436 -21.95 -23.41 33.33
C GLY A 436 -21.96 -22.05 34.00
N GLU A 437 -21.60 -21.00 33.24
CA GLU A 437 -21.55 -19.64 33.74
C GLU A 437 -22.40 -18.75 32.85
N THR A 438 -23.35 -19.36 32.14
CA THR A 438 -24.19 -18.62 31.22
C THR A 438 -24.94 -17.51 31.94
N GLU A 439 -25.28 -17.71 33.23
CA GLU A 439 -26.08 -16.74 33.95
C GLU A 439 -25.22 -15.50 34.27
N LYS A 440 -24.00 -15.70 34.80
CA LYS A 440 -23.14 -14.58 35.13
C LYS A 440 -22.93 -13.69 33.91
N LEU A 441 -22.78 -14.32 32.72
CA LEU A 441 -22.64 -13.55 31.48
C LEU A 441 -23.93 -12.80 31.16
N SER A 442 -25.07 -13.48 31.30
CA SER A 442 -26.37 -12.88 31.05
C SER A 442 -26.55 -11.63 31.91
N ILE A 443 -26.11 -11.71 33.18
CA ILE A 443 -26.25 -10.63 34.14
C ILE A 443 -25.34 -9.47 33.75
N MET A 444 -24.10 -9.79 33.36
CA MET A 444 -23.13 -8.80 32.88
C MET A 444 -23.70 -8.04 31.69
N ILE A 445 -24.21 -8.80 30.72
CA ILE A 445 -24.76 -8.20 29.53
C ILE A 445 -25.93 -7.30 29.91
N GLU A 446 -26.71 -7.77 30.89
CA GLU A 446 -27.93 -7.11 31.32
C GLU A 446 -27.60 -5.82 32.05
N GLU A 447 -26.57 -5.86 32.93
CA GLU A 447 -26.22 -4.73 33.79
C GLU A 447 -25.62 -3.56 33.01
N CYS A 448 -25.01 -3.80 31.83
CA CYS A 448 -24.33 -2.73 31.11
C CYS A 448 -25.21 -2.17 29.99
N GLY A 449 -26.44 -2.70 29.85
CA GLY A 449 -27.41 -2.16 28.91
C GLY A 449 -27.51 -2.97 27.62
N GLY A 450 -26.93 -4.18 27.64
CA GLY A 450 -26.85 -5.00 26.46
C GLY A 450 -28.18 -5.65 26.09
N LEU A 451 -28.84 -6.22 27.10
CA LEU A 451 -30.09 -6.93 26.86
C LEU A 451 -31.10 -6.02 26.16
N ASP A 452 -31.23 -4.77 26.65
CA ASP A 452 -32.03 -3.77 25.97
C ASP A 452 -31.74 -3.73 24.46
N LYS A 453 -30.46 -3.68 24.09
CA LYS A 453 -30.11 -3.46 22.69
C LYS A 453 -30.40 -4.72 21.86
N ILE A 454 -30.08 -5.91 22.39
CA ILE A 454 -30.32 -7.15 21.68
C ILE A 454 -31.83 -7.31 21.39
N GLU A 455 -32.68 -6.98 22.38
CA GLU A 455 -34.12 -7.06 22.25
C GLU A 455 -34.59 -6.23 21.06
N ALA A 456 -34.22 -4.95 21.05
CA ALA A 456 -34.54 -4.07 19.93
C ALA A 456 -34.21 -4.76 18.60
N LEU A 457 -33.04 -5.39 18.53
CA LEU A 457 -32.53 -5.97 17.29
C LEU A 457 -33.36 -7.18 16.83
N GLN A 458 -34.18 -7.78 17.70
CA GLN A 458 -35.15 -8.77 17.23
C GLN A 458 -36.09 -8.13 16.21
N ARG A 459 -36.16 -6.79 16.19
CA ARG A 459 -37.02 -6.06 15.29
C ARG A 459 -36.20 -5.19 14.33
N HIS A 460 -35.22 -5.82 13.65
CA HIS A 460 -34.32 -5.14 12.73
C HIS A 460 -34.57 -5.66 11.32
N GLU A 461 -34.38 -4.80 10.30
CA GLU A 461 -34.64 -5.17 8.91
C GLU A 461 -33.90 -6.47 8.59
N ASN A 462 -32.58 -6.50 8.76
CA ASN A 462 -31.77 -7.63 8.36
C ASN A 462 -32.24 -8.89 9.08
N GLU A 463 -32.29 -10.00 8.34
CA GLU A 463 -32.84 -11.25 8.83
C GLU A 463 -31.86 -11.92 9.79
N SER A 464 -30.62 -12.14 9.34
CA SER A 464 -29.59 -12.80 10.16
C SER A 464 -29.44 -12.09 11.51
N VAL A 465 -29.63 -10.75 11.53
CA VAL A 465 -29.62 -9.97 12.76
C VAL A 465 -30.72 -10.47 13.70
N TYR A 466 -31.99 -10.27 13.30
CA TYR A 466 -33.11 -10.55 14.19
C TYR A 466 -33.07 -12.02 14.58
N LYS A 467 -32.69 -12.88 13.62
CA LYS A 467 -32.54 -14.30 13.87
C LYS A 467 -31.58 -14.53 15.04
N ALA A 468 -30.31 -14.15 14.85
CA ALA A 468 -29.27 -14.27 15.88
C ALA A 468 -29.69 -13.55 17.17
N SER A 469 -30.32 -12.38 17.04
CA SER A 469 -30.90 -11.68 18.18
C SER A 469 -31.88 -12.58 18.94
N LEU A 470 -32.89 -13.12 18.23
CA LEU A 470 -33.95 -13.92 18.82
C LEU A 470 -33.35 -15.14 19.53
N ASN A 471 -32.45 -15.87 18.84
CA ASN A 471 -31.82 -17.06 19.38
C ASN A 471 -31.20 -16.77 20.76
N LEU A 472 -30.52 -15.63 20.90
CA LEU A 472 -29.80 -15.27 22.12
C LEU A 472 -30.77 -15.03 23.26
N ILE A 473 -31.78 -14.18 23.01
CA ILE A 473 -32.80 -13.87 23.99
C ILE A 473 -33.43 -15.18 24.48
N GLU A 474 -33.80 -16.06 23.54
CA GLU A 474 -34.62 -17.22 23.84
C GLU A 474 -33.76 -18.32 24.49
N LYS A 475 -32.43 -18.25 24.37
CA LYS A 475 -31.60 -19.34 24.88
C LYS A 475 -30.98 -18.98 26.23
N TYR A 476 -30.77 -17.69 26.49
CA TYR A 476 -29.92 -17.29 27.60
C TYR A 476 -30.65 -16.33 28.53
N PHE A 477 -31.62 -15.59 27.97
CA PHE A 477 -32.34 -14.56 28.69
C PHE A 477 -33.81 -14.96 28.87
N PRO B 1 -13.14 -18.36 12.03
CA PRO B 1 -11.80 -17.76 12.10
C PRO B 1 -11.20 -17.71 10.70
N GLU B 2 -11.71 -16.77 9.88
CA GLU B 2 -11.33 -16.64 8.48
C GLU B 2 -10.63 -15.30 8.22
N LYS B 3 -9.45 -15.38 7.57
CA LYS B 3 -8.67 -14.20 7.20
C LYS B 3 -9.38 -13.43 6.08
N LYS B 4 -9.43 -12.09 6.20
CA LYS B 4 -10.10 -11.25 5.23
C LYS B 4 -9.09 -10.22 4.67
N PRO B 5 -8.59 -10.40 3.41
CA PRO B 5 -7.66 -9.45 2.79
C PRO B 5 -8.28 -8.08 2.49
N LYS B 6 -7.43 -7.05 2.28
CA LYS B 6 -7.84 -5.67 2.06
C LYS B 6 -6.76 -4.93 1.26
N PRO C 1 -0.04 10.03 -6.72
CA PRO C 1 0.81 9.03 -6.02
C PRO C 1 1.56 8.07 -6.95
N GLU C 2 0.85 7.59 -7.99
CA GLU C 2 1.32 6.68 -9.02
C GLU C 2 2.18 7.38 -10.09
N LYS C 3 2.03 8.70 -10.24
CA LYS C 3 2.73 9.48 -11.26
C LYS C 3 3.28 10.74 -10.58
N LYS C 4 4.35 11.30 -11.14
CA LYS C 4 5.03 12.46 -10.56
C LYS C 4 5.49 13.39 -11.68
N PRO C 5 5.15 14.71 -11.65
CA PRO C 5 5.66 15.67 -12.62
C PRO C 5 6.98 16.16 -12.03
N LYS C 6 7.99 16.40 -12.88
CA LYS C 6 9.20 17.11 -12.49
C LYS C 6 8.99 18.61 -12.65
N ILE C 7 9.07 19.35 -11.53
CA ILE C 7 8.81 20.78 -11.44
C ILE C 7 10.09 21.61 -11.69
N ASP C 8 11.28 21.13 -11.25
CA ASP C 8 12.56 21.71 -11.68
C ASP C 8 13.75 20.82 -11.26
N GLU C 9 14.98 21.25 -11.61
CA GLU C 9 16.20 20.48 -11.43
C GLU C 9 16.96 20.98 -10.18
C1 GOL D . -5.39 -17.42 28.33
O1 GOL D . -4.93 -18.76 28.17
C2 GOL D . -4.56 -16.64 29.33
O2 GOL D . -5.21 -16.67 30.61
C3 GOL D . -3.14 -17.15 29.46
O3 GOL D . -2.41 -16.43 30.45
C1 GOL E . -1.31 -4.32 -4.87
O1 GOL E . -0.54 -4.68 -6.02
C2 GOL E . -1.98 -2.95 -4.97
O2 GOL E . -2.01 -2.34 -3.67
C3 GOL E . -1.30 -2.03 -5.97
O3 GOL E . -1.96 -0.78 -6.08
C1 GOL F . 18.25 -1.98 8.64
O1 GOL F . 18.89 -2.92 9.51
C2 GOL F . 19.09 -0.75 8.35
O2 GOL F . 20.22 -1.10 7.53
C3 GOL F . 18.28 0.38 7.72
O3 GOL F . 17.12 0.72 8.47
S1 DTT G . 5.00 5.50 -3.52
C1 DTT G . 3.29 5.30 -2.95
C2 DTT G . 2.53 6.58 -2.63
O2 DTT G . 3.00 7.14 -1.42
C3 DTT G . 1.00 6.43 -2.52
O3 DTT G . 0.48 6.31 -3.83
C4 DTT G . 0.52 5.28 -1.65
S4 DTT G . -0.23 3.85 -2.49
S1 DTT H . 17.02 -9.99 4.19
C1 DTT H . 18.77 -10.30 4.57
C2 DTT H . 19.14 -11.78 4.59
O2 DTT H . 18.78 -12.43 3.36
C3 DTT H . 18.51 -12.50 5.79
O3 DTT H . 18.22 -11.50 6.78
C4 DTT H . 17.26 -13.31 5.47
S4 DTT H . 17.42 -14.85 4.53
#